data_3PP2
#
_entry.id   3PP2
#
_cell.length_a   98.243
_cell.length_b   98.243
_cell.length_c   66.909
_cell.angle_alpha   90.000
_cell.angle_beta   90.000
_cell.angle_gamma   120.000
#
_symmetry.space_group_name_H-M   'P 31 2 1'
#
loop_
_entity.id
_entity.type
_entity.pdbx_description
1 polymer 'Rho GTPase-activating protein 27'
2 non-polymer 'CITRIC ACID'
3 non-polymer 'UNKNOWN ATOM OR ION'
4 non-polymer GLYCEROL
5 water water
#
_entity_poly.entity_id   1
_entity_poly.type   'polypeptide(L)'
_entity_poly.pdbx_seq_one_letter_code
;MAVRTKTLDKAGVLHRTKTADKGKRLRKKHWSASWTVLEGGVLTFFKDSKTSAAGGLRQPSKFSTPEYTVELRGATLSWA
PKDKSSRKNVLELRSRDGSEYLIQHDSEAIISTWHKAIAQGIQE
;
_entity_poly.pdbx_strand_id   A,B
#
# COMPACT_ATOMS: atom_id res chain seq x y z
N ASP A 9 1.40 4.14 -15.30
CA ASP A 9 -0.05 4.15 -15.60
CA ASP A 9 -0.05 4.12 -15.72
C ASP A 9 -0.59 2.75 -15.43
N LYS A 10 -1.91 2.66 -15.26
CA LYS A 10 -2.52 1.40 -14.89
C LYS A 10 -3.99 1.46 -15.22
N ALA A 11 -4.59 0.30 -15.48
CA ALA A 11 -6.01 0.20 -15.72
C ALA A 11 -6.47 -1.16 -15.27
N GLY A 12 -7.68 -1.20 -14.70
CA GLY A 12 -8.25 -2.44 -14.17
C GLY A 12 -9.61 -2.26 -13.54
N VAL A 13 -10.31 -3.34 -13.23
CA VAL A 13 -11.56 -3.22 -12.54
C VAL A 13 -11.33 -3.19 -11.01
N LEU A 14 -11.90 -2.19 -10.35
CA LEU A 14 -11.82 -2.02 -8.91
C LEU A 14 -13.20 -1.71 -8.35
N HIS A 15 -13.38 -2.01 -7.08
CA HIS A 15 -14.54 -1.55 -6.33
C HIS A 15 -14.23 -0.18 -5.74
N ARG A 16 -15.21 0.70 -5.77
CA ARG A 16 -15.02 2.04 -5.20
C ARG A 16 -16.33 2.64 -4.75
N THR A 17 -16.24 3.53 -3.77
CA THR A 17 -17.35 4.37 -3.39
C THR A 17 -16.81 5.75 -3.02
N LYS A 18 -17.58 6.77 -3.33
CA LYS A 18 -17.34 8.09 -2.79
C LYS A 18 -17.82 8.08 -1.35
N THR A 19 -17.08 8.76 -0.49
CA THR A 19 -17.43 8.87 0.93
C THR A 19 -17.53 10.32 1.43
N ALA A 20 -16.98 11.28 0.71
CA ALA A 20 -17.17 12.70 1.06
C ALA A 20 -17.14 13.55 -0.19
N ASP A 21 -18.02 14.58 -0.23
CA ASP A 21 -18.08 15.52 -1.32
C ASP A 21 -17.53 16.82 -0.80
N LYS A 22 -16.34 17.18 -1.25
CA LYS A 22 -15.75 18.48 -0.87
C LYS A 22 -15.72 18.68 0.66
N GLY A 23 -15.34 17.62 1.36
CA GLY A 23 -15.23 17.68 2.79
C GLY A 23 -16.47 17.28 3.57
N LYS A 24 -17.59 17.03 2.88
CA LYS A 24 -18.86 16.76 3.53
C LYS A 24 -19.18 15.26 3.39
N ARG A 25 -19.27 14.56 4.51
CA ARG A 25 -19.39 13.10 4.50
C ARG A 25 -20.76 12.69 3.91
N LEU A 26 -20.77 11.60 3.15
CA LEU A 26 -22.00 10.97 2.68
C LEU A 26 -22.60 10.09 3.76
N ARG A 27 -23.94 9.94 3.75
CA ARG A 27 -24.65 9.19 4.78
C ARG A 27 -24.31 7.70 4.73
N LYS A 28 -24.24 7.13 3.53
CA LYS A 28 -23.93 5.69 3.40
C LYS A 28 -22.98 5.44 2.26
N LYS A 29 -22.46 4.23 2.20
CA LYS A 29 -21.61 3.82 1.10
C LYS A 29 -22.41 3.48 -0.14
N HIS A 30 -21.79 3.74 -1.27
CA HIS A 30 -22.36 3.51 -2.59
CA HIS A 30 -22.37 3.51 -2.58
C HIS A 30 -21.36 2.75 -3.46
N TRP A 31 -21.05 1.53 -3.06
CA TRP A 31 -20.06 0.72 -3.79
C TRP A 31 -20.53 0.24 -5.15
N SER A 32 -19.63 0.28 -6.11
CA SER A 32 -19.76 -0.37 -7.41
C SER A 32 -18.39 -0.82 -7.87
N ALA A 33 -18.35 -1.81 -8.76
CA ALA A 33 -17.14 -2.14 -9.47
C ALA A 33 -17.12 -1.44 -10.81
N SER A 34 -16.01 -0.82 -11.16
CA SER A 34 -15.84 -0.18 -12.44
C SER A 34 -14.47 -0.29 -12.99
N TRP A 35 -14.38 -0.21 -14.30
CA TRP A 35 -13.11 0.08 -14.92
C TRP A 35 -12.56 1.37 -14.32
N THR A 36 -11.23 1.38 -14.15
CA THR A 36 -10.48 2.42 -13.50
C THR A 36 -9.22 2.62 -14.30
N VAL A 37 -8.87 3.86 -14.58
CA VAL A 37 -7.65 4.20 -15.30
C VAL A 37 -6.86 5.26 -14.56
N LEU A 38 -5.60 4.96 -14.34
CA LEU A 38 -4.62 5.93 -13.85
C LEU A 38 -3.71 6.31 -15.00
N GLU A 39 -3.72 7.60 -15.36
CA GLU A 39 -2.90 8.08 -16.48
C GLU A 39 -2.54 9.52 -16.18
N GLY A 40 -1.26 9.85 -16.34
CA GLY A 40 -0.80 11.20 -16.12
C GLY A 40 -1.16 11.91 -14.84
N GLY A 41 -1.09 11.21 -13.71
CA GLY A 41 -1.46 11.85 -12.44
C GLY A 41 -2.97 12.06 -12.17
N VAL A 42 -3.82 11.38 -12.94
CA VAL A 42 -5.29 11.47 -12.80
C VAL A 42 -5.88 10.06 -12.75
N LEU A 43 -6.74 9.83 -11.77
CA LEU A 43 -7.40 8.53 -11.55
C LEU A 43 -8.86 8.68 -11.90
N THR A 44 -9.29 7.92 -12.91
CA THR A 44 -10.63 7.99 -13.42
C THR A 44 -11.37 6.67 -13.13
N PHE A 45 -12.50 6.78 -12.44
CA PHE A 45 -13.42 5.68 -12.24
C PHE A 45 -14.55 5.84 -13.23
N PHE A 46 -14.74 4.84 -14.09
CA PHE A 46 -15.82 4.87 -15.07
C PHE A 46 -17.13 4.46 -14.44
N LYS A 47 -18.19 4.60 -15.22
CA LYS A 47 -19.50 4.17 -14.82
CA LYS A 47 -19.49 4.16 -14.78
C LYS A 47 -19.45 2.70 -14.38
N ASP A 48 -20.39 2.32 -13.52
CA ASP A 48 -20.54 0.94 -13.05
CA ASP A 48 -20.50 0.95 -13.04
C ASP A 48 -20.42 -0.05 -14.20
N SER A 49 -19.67 -1.14 -14.00
CA SER A 49 -19.47 -2.14 -15.05
C SER A 49 -20.64 -3.11 -15.16
N LYS A 50 -21.54 -3.13 -14.19
CA LYS A 50 -22.63 -4.10 -14.24
C LYS A 50 -23.86 -3.50 -14.80
N THR A 51 -24.61 -4.35 -15.53
CA THR A 51 -25.95 -4.01 -16.14
C THR A 51 -27.07 -3.89 -15.10
N SER A 52 -26.99 -4.72 -14.08
CA SER A 52 -27.93 -4.72 -12.96
C SER A 52 -27.11 -4.84 -11.68
N GLY A 56 -25.13 -9.05 -14.65
CA GLY A 56 -24.12 -9.32 -15.71
C GLY A 56 -23.33 -8.10 -16.15
N LEU A 57 -22.28 -8.31 -16.94
CA LEU A 57 -21.41 -7.20 -17.33
C LEU A 57 -22.05 -6.39 -18.44
N ARG A 58 -21.93 -5.07 -18.33
CA ARG A 58 -22.16 -4.16 -19.47
C ARG A 58 -21.13 -4.37 -20.57
N GLN A 59 -21.54 -4.11 -21.81
CA GLN A 59 -20.59 -4.07 -22.91
C GLN A 59 -19.77 -2.80 -22.75
N PRO A 60 -18.54 -2.78 -23.26
CA PRO A 60 -17.66 -1.58 -23.07
C PRO A 60 -18.24 -0.22 -23.40
N SER A 61 -18.95 -0.13 -24.47
CA SER A 61 -19.49 1.18 -24.86
C SER A 61 -20.45 1.77 -23.82
N LYS A 62 -21.05 0.91 -23.03
CA LYS A 62 -21.97 1.35 -21.98
C LYS A 62 -21.34 1.92 -20.71
N PHE A 63 -20.03 1.75 -20.54
CA PHE A 63 -19.33 2.36 -19.41
C PHE A 63 -18.20 3.28 -19.81
N SER A 64 -18.28 3.85 -21.00
CA SER A 64 -17.28 4.78 -21.49
C SER A 64 -17.25 6.15 -20.76
N THR A 65 -18.33 6.55 -20.07
CA THR A 65 -18.33 7.88 -19.44
C THR A 65 -17.69 7.80 -18.06
N PRO A 66 -16.73 8.68 -17.77
CA PRO A 66 -16.27 8.77 -16.40
C PRO A 66 -17.36 9.10 -15.40
N GLU A 67 -17.30 8.44 -14.25
CA GLU A 67 -18.16 8.79 -13.13
C GLU A 67 -17.49 9.72 -12.14
N TYR A 68 -16.26 9.36 -11.74
CA TYR A 68 -15.48 10.15 -10.77
C TYR A 68 -14.07 10.32 -11.32
N THR A 69 -13.57 11.55 -11.31
CA THR A 69 -12.19 11.82 -11.70
C THR A 69 -11.49 12.40 -10.49
N VAL A 70 -10.34 11.88 -10.17
CA VAL A 70 -9.60 12.37 -9.06
C VAL A 70 -8.23 12.80 -9.53
N GLU A 71 -7.97 14.11 -9.48
CA GLU A 71 -6.65 14.64 -9.79
C GLU A 71 -5.76 14.37 -8.59
N LEU A 72 -4.61 13.81 -8.83
CA LEU A 72 -3.80 13.32 -7.71
C LEU A 72 -2.85 14.35 -7.10
N ARG A 73 -2.63 15.49 -7.75
CA ARG A 73 -1.78 16.55 -7.18
C ARG A 73 -2.41 17.00 -5.89
N GLY A 74 -1.69 16.90 -4.78
CA GLY A 74 -2.23 17.31 -3.49
C GLY A 74 -3.16 16.32 -2.80
N ALA A 75 -3.30 15.12 -3.37
CA ALA A 75 -4.14 14.10 -2.80
C ALA A 75 -3.37 13.37 -1.70
N THR A 76 -4.12 12.70 -0.83
CA THR A 76 -3.58 11.88 0.25
C THR A 76 -4.13 10.47 0.09
N LEU A 77 -3.22 9.49 0.09
CA LEU A 77 -3.56 8.06 -0.01
C LEU A 77 -3.15 7.34 1.25
N SER A 78 -3.99 6.44 1.70
CA SER A 78 -3.69 5.59 2.82
C SER A 78 -4.39 4.25 2.72
N TRP A 79 -3.95 3.29 3.50
CA TRP A 79 -4.76 2.13 3.80
C TRP A 79 -5.82 2.59 4.80
N ALA A 80 -7.08 2.28 4.53
CA ALA A 80 -8.16 2.75 5.39
C ALA A 80 -8.11 2.04 6.75
N PRO A 81 -8.57 2.71 7.83
CA PRO A 81 -8.79 1.98 9.08
C PRO A 81 -9.71 0.77 8.86
N LYS A 82 -9.49 -0.33 9.58
CA LYS A 82 -10.24 -1.56 9.32
C LYS A 82 -11.75 -1.38 9.61
N ASP A 83 -12.08 -0.40 10.46
CA ASP A 83 -13.47 -0.13 10.85
CA ASP A 83 -13.47 -0.14 10.85
C ASP A 83 -14.18 0.86 9.93
N LYS A 84 -13.43 1.44 8.98
CA LYS A 84 -14.03 2.36 7.98
C LYS A 84 -15.03 1.61 7.08
N SER A 85 -14.79 0.32 6.84
CA SER A 85 -15.62 -0.50 5.96
C SER A 85 -15.63 -1.93 6.47
N SER A 86 -16.70 -2.67 6.19
CA SER A 86 -16.76 -4.14 6.44
C SER A 86 -15.88 -4.93 5.45
N ARG A 87 -15.47 -4.27 4.36
CA ARG A 87 -14.67 -4.92 3.34
C ARG A 87 -13.20 -5.01 3.72
N LYS A 88 -12.52 -5.93 3.05
CA LYS A 88 -11.07 -6.12 3.18
C LYS A 88 -10.30 -5.40 2.09
N ASN A 89 -9.06 -5.03 2.38
CA ASN A 89 -8.15 -4.44 1.40
C ASN A 89 -8.66 -3.11 0.87
N VAL A 90 -9.01 -2.22 1.78
CA VAL A 90 -9.55 -0.93 1.42
C VAL A 90 -8.48 0.15 1.51
N LEU A 91 -8.37 0.94 0.44
CA LEU A 91 -7.61 2.19 0.42
C LEU A 91 -8.53 3.39 0.56
N GLU A 92 -8.00 4.45 1.14
CA GLU A 92 -8.72 5.74 1.23
C GLU A 92 -7.92 6.76 0.43
N LEU A 93 -8.61 7.48 -0.43
CA LEU A 93 -8.02 8.52 -1.26
C LEU A 93 -8.78 9.82 -1.03
N ARG A 94 -8.07 10.86 -0.62
CA ARG A 94 -8.69 12.17 -0.39
CA ARG A 94 -8.67 12.17 -0.35
C ARG A 94 -8.07 13.15 -1.33
N SER A 95 -8.90 13.82 -2.10
CA SER A 95 -8.38 14.80 -3.07
C SER A 95 -8.22 16.16 -2.39
N ARG A 96 -7.50 17.04 -3.08
CA ARG A 96 -7.17 18.33 -2.46
C ARG A 96 -8.39 19.18 -2.15
N ASP A 97 -9.50 18.94 -2.87
CA ASP A 97 -10.76 19.66 -2.57
C ASP A 97 -11.58 19.07 -1.41
N GLY A 98 -11.07 17.97 -0.81
CA GLY A 98 -11.71 17.37 0.33
C GLY A 98 -12.66 16.24 0.01
N SER A 99 -12.86 15.94 -1.25
CA SER A 99 -13.63 14.75 -1.61
C SER A 99 -12.81 13.51 -1.24
N GLU A 100 -13.52 12.46 -0.90
CA GLU A 100 -12.89 11.25 -0.41
CA GLU A 100 -12.89 11.25 -0.42
C GLU A 100 -13.55 10.05 -1.07
N TYR A 101 -12.75 9.01 -1.30
CA TYR A 101 -13.16 7.77 -1.95
C TYR A 101 -12.50 6.60 -1.23
N LEU A 102 -13.20 5.48 -1.19
CA LEU A 102 -12.61 4.20 -0.84
C LEU A 102 -12.47 3.35 -2.09
N ILE A 103 -11.40 2.56 -2.12
CA ILE A 103 -11.03 1.73 -3.26
C ILE A 103 -10.75 0.35 -2.70
N GLN A 104 -11.27 -0.68 -3.36
CA GLN A 104 -11.18 -2.04 -2.78
C GLN A 104 -11.10 -3.10 -3.83
N HIS A 105 -10.52 -4.24 -3.45
CA HIS A 105 -10.57 -5.47 -4.24
C HIS A 105 -10.31 -6.62 -3.28
N ASP A 106 -10.93 -7.77 -3.56
CA ASP A 106 -10.68 -8.92 -2.71
C ASP A 106 -9.23 -9.36 -2.76
N SER A 107 -8.53 -9.08 -3.86
CA SER A 107 -7.10 -9.39 -3.93
C SER A 107 -6.24 -8.32 -3.28
N GLU A 108 -5.55 -8.67 -2.20
CA GLU A 108 -4.62 -7.76 -1.58
C GLU A 108 -3.48 -7.36 -2.52
N ALA A 109 -3.07 -8.29 -3.41
CA ALA A 109 -2.00 -7.99 -4.34
C ALA A 109 -2.44 -6.96 -5.37
N ILE A 110 -3.65 -7.09 -5.88
CA ILE A 110 -4.23 -6.06 -6.78
CA ILE A 110 -4.13 -6.05 -6.80
C ILE A 110 -4.17 -4.70 -6.07
N ILE A 111 -4.69 -4.66 -4.86
CA ILE A 111 -4.77 -3.37 -4.12
C ILE A 111 -3.39 -2.81 -3.84
N SER A 112 -2.43 -3.64 -3.43
CA SER A 112 -1.09 -3.10 -3.15
C SER A 112 -0.44 -2.52 -4.39
N THR A 113 -0.61 -3.21 -5.51
CA THR A 113 -0.05 -2.71 -6.75
C THR A 113 -0.72 -1.39 -7.19
N TRP A 114 -2.02 -1.26 -6.96
CA TRP A 114 -2.69 0.02 -7.19
C TRP A 114 -2.24 1.12 -6.23
N HIS A 115 -2.02 0.77 -4.97
CA HIS A 115 -1.48 1.72 -4.05
C HIS A 115 -0.17 2.27 -4.55
N LYS A 116 0.72 1.40 -5.02
CA LYS A 116 2.02 1.82 -5.55
C LYS A 116 1.88 2.79 -6.72
N ALA A 117 0.96 2.48 -7.63
CA ALA A 117 0.78 3.30 -8.81
C ALA A 117 0.20 4.67 -8.42
N ILE A 118 -0.83 4.67 -7.59
CA ILE A 118 -1.45 5.93 -7.15
C ILE A 118 -0.48 6.76 -6.35
N ALA A 119 0.28 6.14 -5.48
CA ALA A 119 1.31 6.85 -4.71
C ALA A 119 2.31 7.54 -5.63
N GLN A 120 2.75 6.85 -6.69
CA GLN A 120 3.66 7.47 -7.64
C GLN A 120 2.98 8.62 -8.36
N GLY A 121 1.69 8.48 -8.69
CA GLY A 121 0.94 9.58 -9.36
C GLY A 121 0.81 10.81 -8.52
N ILE A 122 0.71 10.62 -7.22
CA ILE A 122 0.61 11.75 -6.29
C ILE A 122 1.91 12.50 -6.25
N GLN A 123 3.01 11.77 -6.34
CA GLN A 123 4.36 12.34 -6.17
C GLN A 123 4.81 12.86 -7.50
N LEU B 8 -3.37 -9.01 14.63
CA LEU B 8 -2.69 -9.15 13.28
C LEU B 8 -1.25 -9.62 13.44
N ASP B 9 -0.83 -10.58 12.60
CA ASP B 9 0.55 -11.05 12.62
C ASP B 9 0.93 -11.56 11.24
N LYS B 10 2.25 -11.58 10.98
CA LYS B 10 2.78 -12.02 9.74
CA LYS B 10 2.82 -12.03 9.73
C LYS B 10 4.18 -12.66 10.00
N ALA B 11 4.57 -13.61 9.18
CA ALA B 11 5.85 -14.27 9.33
C ALA B 11 6.30 -14.79 7.98
N GLY B 12 7.58 -14.65 7.71
CA GLY B 12 8.18 -15.17 6.48
C GLY B 12 9.58 -14.67 6.22
N VAL B 13 10.18 -15.01 5.11
CA VAL B 13 11.50 -14.55 4.75
C VAL B 13 11.38 -13.37 3.77
N LEU B 14 12.03 -12.27 4.13
CA LEU B 14 12.00 -11.03 3.37
C LEU B 14 13.43 -10.55 3.17
N HIS B 15 13.67 -9.74 2.13
CA HIS B 15 14.98 -9.07 1.96
C HIS B 15 14.89 -7.71 2.61
N ARG B 16 15.94 -7.35 3.35
CA ARG B 16 15.94 -6.10 4.04
C ARG B 16 17.36 -5.58 4.26
N THR B 17 17.45 -4.26 4.48
CA THR B 17 18.67 -3.65 4.98
C THR B 17 18.31 -2.47 5.84
N LYS B 18 19.01 -2.29 6.94
CA LYS B 18 18.98 -1.04 7.67
C LYS B 18 19.64 0.02 6.82
N THR B 19 19.13 1.23 6.91
CA THR B 19 19.71 2.36 6.20
C THR B 19 20.05 3.54 7.14
N ALA B 20 19.41 3.63 8.29
CA ALA B 20 19.73 4.65 9.28
C ALA B 20 19.46 4.12 10.68
N ASP B 21 20.35 4.47 11.59
CA ASP B 21 20.32 4.12 13.00
C ASP B 21 19.99 5.39 13.80
N LYS B 22 18.73 5.53 14.21
CA LYS B 22 18.26 6.71 14.96
C LYS B 22 18.75 8.02 14.37
N GLY B 23 18.55 8.15 13.05
CA GLY B 23 18.90 9.36 12.35
C GLY B 23 20.26 9.42 11.75
N LYS B 24 21.06 8.39 12.00
CA LYS B 24 22.44 8.32 11.54
C LYS B 24 22.50 7.34 10.38
N ARG B 25 22.78 7.86 9.21
CA ARG B 25 22.84 7.06 7.98
CA ARG B 25 22.78 7.04 8.02
C ARG B 25 23.95 6.03 8.02
N LEU B 26 23.66 4.82 7.54
CA LEU B 26 24.69 3.81 7.32
C LEU B 26 25.48 4.13 6.06
N ARG B 27 26.75 3.74 6.06
CA ARG B 27 27.65 4.04 4.92
C ARG B 27 27.22 3.36 3.63
N LYS B 28 26.81 2.10 3.76
CA LYS B 28 26.40 1.33 2.58
C LYS B 28 25.23 0.44 2.93
N LYS B 29 24.62 -0.13 1.90
CA LYS B 29 23.56 -1.11 2.08
C LYS B 29 24.11 -2.48 2.44
N HIS B 30 23.31 -3.20 3.21
CA HIS B 30 23.60 -4.55 3.65
C HIS B 30 22.43 -5.50 3.43
N TRP B 31 21.99 -5.57 2.20
CA TRP B 31 20.87 -6.41 1.87
C TRP B 31 21.13 -7.85 2.27
N SER B 32 20.15 -8.44 2.94
CA SER B 32 20.15 -9.87 3.28
C SER B 32 18.70 -10.35 3.36
N ALA B 33 18.51 -11.63 3.13
CA ALA B 33 17.26 -12.30 3.42
C ALA B 33 17.30 -12.70 4.89
N SER B 34 16.17 -12.51 5.56
CA SER B 34 16.00 -13.01 6.90
C SER B 34 14.61 -13.39 7.22
N TRP B 35 14.49 -14.31 8.17
CA TRP B 35 13.22 -14.52 8.86
C TRP B 35 12.79 -13.17 9.43
N THR B 36 11.50 -12.89 9.31
CA THR B 36 10.89 -11.62 9.66
C THR B 36 9.55 -11.94 10.30
N VAL B 37 9.24 -11.26 11.39
CA VAL B 37 8.01 -11.51 12.14
C VAL B 37 7.35 -10.19 12.51
N LEU B 38 6.06 -10.07 12.24
CA LEU B 38 5.25 -8.96 12.71
C LEU B 38 4.27 -9.53 13.71
N GLU B 39 4.36 -9.03 14.94
CA GLU B 39 3.51 -9.54 16.03
C GLU B 39 3.34 -8.42 17.05
N GLY B 40 2.12 -8.20 17.52
CA GLY B 40 1.87 -7.18 18.55
C GLY B 40 2.36 -5.77 18.22
N GLY B 41 2.25 -5.40 16.94
CA GLY B 41 2.67 -4.07 16.49
C GLY B 41 4.17 -3.84 16.42
N VAL B 42 4.96 -4.93 16.45
CA VAL B 42 6.41 -4.81 16.34
C VAL B 42 6.89 -5.71 15.20
N LEU B 43 7.74 -5.15 14.36
CA LEU B 43 8.33 -5.89 13.25
C LEU B 43 9.76 -6.26 13.69
N THR B 44 10.11 -7.54 13.62
CA THR B 44 11.43 -8.02 14.00
C THR B 44 12.10 -8.68 12.79
N PHE B 45 13.27 -8.17 12.43
CA PHE B 45 14.11 -8.78 11.43
C PHE B 45 15.18 -9.61 12.15
N PHE B 46 15.29 -10.88 11.76
CA PHE B 46 16.35 -11.75 12.25
C PHE B 46 17.67 -11.44 11.56
N LYS B 47 18.75 -12.05 12.10
CA LYS B 47 20.10 -11.82 11.59
C LYS B 47 20.31 -12.25 10.14
N ASP B 48 21.32 -11.61 9.53
CA ASP B 48 21.76 -11.81 8.13
C ASP B 48 22.00 -13.28 7.89
N SER B 49 21.66 -13.72 6.67
CA SER B 49 21.69 -15.17 6.30
C SER B 49 23.05 -15.60 5.72
N GLY B 56 18.32 -20.14 -1.38
CA GLY B 56 17.60 -19.29 -0.39
C GLY B 56 17.57 -19.80 1.05
N LEU B 57 16.94 -19.02 1.92
CA LEU B 57 16.85 -19.35 3.34
C LEU B 57 15.60 -20.22 3.56
N ARG B 58 15.81 -21.51 3.90
CA ARG B 58 14.80 -22.60 3.84
C ARG B 58 14.51 -23.36 5.14
N GLN B 59 15.54 -23.66 5.91
CA GLN B 59 15.36 -24.52 7.06
C GLN B 59 15.26 -23.65 8.27
N PRO B 60 14.20 -23.86 9.05
CA PRO B 60 14.00 -23.07 10.26
C PRO B 60 15.16 -23.13 11.24
N SER B 61 15.90 -24.25 11.23
CA SER B 61 17.07 -24.40 12.08
C SER B 61 18.21 -23.38 11.74
N LYS B 62 18.09 -22.66 10.63
CA LYS B 62 19.12 -21.70 10.20
C LYS B 62 18.67 -20.25 10.26
N PHE B 63 17.52 -20.03 10.80
CA PHE B 63 16.92 -18.69 10.77
C PHE B 63 17.56 -17.75 11.79
N SER B 64 18.39 -18.27 12.70
CA SER B 64 19.13 -17.41 13.62
C SER B 64 18.18 -16.73 14.64
N THR B 65 18.56 -15.54 15.08
CA THR B 65 17.91 -14.85 16.17
C THR B 65 17.58 -13.40 15.79
N PRO B 66 16.76 -12.71 16.59
CA PRO B 66 16.44 -11.32 16.29
C PRO B 66 17.65 -10.44 16.21
N GLU B 67 17.62 -9.53 15.22
CA GLU B 67 18.64 -8.50 15.06
C GLU B 67 18.10 -7.09 15.27
N TYR B 68 17.00 -6.76 14.60
CA TYR B 68 16.42 -5.44 14.66
C TYR B 68 14.95 -5.54 15.02
N THR B 69 14.51 -4.65 15.88
CA THR B 69 13.06 -4.51 16.16
C THR B 69 12.60 -3.10 15.82
N VAL B 70 11.42 -3.03 15.20
CA VAL B 70 10.84 -1.76 14.81
C VAL B 70 9.39 -1.71 15.35
N GLU B 71 9.13 -0.77 16.24
CA GLU B 71 7.79 -0.57 16.73
C GLU B 71 7.01 0.15 15.60
N LEU B 72 5.83 -0.36 15.29
CA LEU B 72 5.05 0.24 14.18
C LEU B 72 4.31 1.52 14.60
N ARG B 73 4.04 1.70 15.90
CA ARG B 73 3.38 2.94 16.43
C ARG B 73 4.25 4.11 16.05
N GLY B 74 3.69 5.05 15.30
CA GLY B 74 4.45 6.23 14.91
C GLY B 74 5.38 6.11 13.71
N ALA B 75 5.40 4.92 13.10
CA ALA B 75 6.23 4.66 11.93
C ALA B 75 5.57 5.15 10.65
N THR B 76 6.37 5.28 9.60
CA THR B 76 5.85 5.54 8.26
C THR B 76 6.41 4.49 7.30
N LEU B 77 5.55 4.10 6.36
CA LEU B 77 5.89 3.16 5.35
C LEU B 77 5.54 3.73 4.00
N SER B 78 6.52 3.77 3.10
CA SER B 78 6.31 4.34 1.79
C SER B 78 7.11 3.62 0.75
N TRP B 79 6.70 3.73 -0.50
CA TRP B 79 7.47 3.14 -1.57
C TRP B 79 8.77 3.94 -1.75
N ALA B 80 9.90 3.25 -1.84
CA ALA B 80 11.19 3.91 -1.93
C ALA B 80 11.35 4.47 -3.33
N PRO B 81 11.93 5.67 -3.45
CA PRO B 81 12.22 6.21 -4.77
C PRO B 81 13.30 5.42 -5.51
N LYS B 82 13.34 5.59 -6.84
CA LYS B 82 14.35 4.94 -7.67
C LYS B 82 15.78 5.30 -7.22
N ASP B 83 15.97 6.52 -6.70
CA ASP B 83 17.29 6.94 -6.18
C ASP B 83 17.75 6.19 -4.93
N LYS B 84 16.82 5.59 -4.19
CA LYS B 84 17.19 4.91 -2.92
CA LYS B 84 17.12 4.92 -2.92
C LYS B 84 17.62 3.49 -3.16
N SER B 85 17.04 2.83 -4.16
CA SER B 85 17.39 1.47 -4.49
C SER B 85 17.03 1.12 -5.91
N SER B 86 17.89 0.31 -6.53
CA SER B 86 17.64 -0.29 -7.86
C SER B 86 16.86 -1.59 -7.83
N ARG B 87 16.56 -2.07 -6.64
CA ARG B 87 15.78 -3.32 -6.55
C ARG B 87 14.32 -3.06 -6.85
N LYS B 88 13.62 -4.17 -7.11
CA LYS B 88 12.20 -4.17 -7.34
C LYS B 88 11.40 -4.14 -6.02
N ASN B 89 10.29 -3.41 -6.05
CA ASN B 89 9.31 -3.37 -4.94
C ASN B 89 9.90 -3.03 -3.60
N VAL B 90 10.64 -1.94 -3.56
CA VAL B 90 11.26 -1.57 -2.32
C VAL B 90 10.34 -0.63 -1.52
N LEU B 91 10.08 -1.03 -0.28
CA LEU B 91 9.43 -0.19 0.71
C LEU B 91 10.48 0.38 1.68
N GLU B 92 10.24 1.59 2.14
CA GLU B 92 11.03 2.28 3.17
C GLU B 92 10.19 2.41 4.43
N LEU B 93 10.71 1.86 5.52
CA LEU B 93 10.09 1.90 6.82
C LEU B 93 10.91 2.81 7.72
N ARG B 94 10.27 3.85 8.26
CA ARG B 94 10.95 4.83 9.12
C ARG B 94 10.28 4.74 10.47
N SER B 95 11.05 4.44 11.50
CA SER B 95 10.47 4.35 12.84
C SER B 95 10.46 5.72 13.50
N ARG B 96 9.71 5.84 14.57
CA ARG B 96 9.60 7.16 15.19
C ARG B 96 10.91 7.65 15.75
N ASP B 97 11.77 6.71 16.15
CA ASP B 97 13.09 7.07 16.71
C ASP B 97 14.13 7.47 15.62
N GLY B 98 13.75 7.47 14.36
CA GLY B 98 14.60 7.87 13.26
C GLY B 98 15.40 6.77 12.57
N SER B 99 15.22 5.54 12.99
CA SER B 99 15.82 4.47 12.26
C SER B 99 15.03 4.24 10.95
N GLU B 100 15.75 3.75 9.95
CA GLU B 100 15.21 3.51 8.64
CA GLU B 100 15.20 3.52 8.62
C GLU B 100 15.67 2.17 8.12
N TYR B 101 14.75 1.50 7.42
CA TYR B 101 14.99 0.21 6.78
C TYR B 101 14.34 0.16 5.42
N LEU B 102 14.96 -0.58 4.53
CA LEU B 102 14.38 -0.95 3.26
C LEU B 102 14.01 -2.40 3.29
N ILE B 103 12.84 -2.71 2.71
CA ILE B 103 12.31 -4.04 2.65
CA ILE B 103 12.36 -4.09 2.59
C ILE B 103 11.92 -4.30 1.18
N GLN B 104 12.16 -5.49 0.68
CA GLN B 104 11.73 -5.78 -0.70
C GLN B 104 11.60 -7.27 -0.93
N HIS B 105 10.87 -7.59 -1.99
CA HIS B 105 10.80 -8.94 -2.48
C HIS B 105 10.41 -8.81 -3.95
N ASP B 106 11.00 -9.63 -4.78
CA ASP B 106 10.70 -9.56 -6.21
C ASP B 106 9.29 -10.02 -6.56
N SER B 107 8.71 -10.88 -5.71
CA SER B 107 7.36 -11.39 -5.95
C SER B 107 6.32 -10.38 -5.50
N GLU B 108 5.48 -9.86 -6.41
CA GLU B 108 4.34 -9.02 -6.04
C GLU B 108 3.52 -9.67 -5.00
N ALA B 109 3.26 -10.98 -5.10
CA ALA B 109 2.43 -11.64 -4.10
C ALA B 109 2.98 -11.44 -2.71
N ILE B 110 4.30 -11.59 -2.57
CA ILE B 110 4.93 -11.53 -1.25
C ILE B 110 5.07 -10.09 -0.76
N ILE B 111 5.57 -9.18 -1.59
CA ILE B 111 5.73 -7.81 -1.09
C ILE B 111 4.36 -7.22 -0.74
N SER B 112 3.31 -7.60 -1.48
CA SER B 112 1.98 -7.09 -1.22
C SER B 112 1.45 -7.50 0.16
N THR B 113 1.70 -8.74 0.55
CA THR B 113 1.20 -9.23 1.84
C THR B 113 1.87 -8.48 3.00
N TRP B 114 3.15 -8.19 2.82
CA TRP B 114 3.88 -7.44 3.85
C TRP B 114 3.50 -5.94 3.85
N HIS B 115 3.31 -5.38 2.68
CA HIS B 115 2.86 -3.99 2.58
C HIS B 115 1.57 -3.81 3.35
N LYS B 116 0.60 -4.66 3.06
CA LYS B 116 -0.69 -4.61 3.76
C LYS B 116 -0.51 -4.73 5.26
N ALA B 117 0.20 -5.76 5.69
CA ALA B 117 0.33 -6.05 7.12
C ALA B 117 1.01 -4.91 7.86
N ILE B 118 2.11 -4.41 7.31
CA ILE B 118 2.83 -3.37 7.98
C ILE B 118 2.05 -2.04 7.96
N ALA B 119 1.44 -1.71 6.81
CA ALA B 119 0.66 -0.45 6.71
C ALA B 119 -0.50 -0.51 7.69
N GLN B 120 -1.23 -1.62 7.68
CA GLN B 120 -2.37 -1.72 8.59
C GLN B 120 -1.91 -1.75 10.05
N GLY B 121 -0.75 -2.36 10.28
CA GLY B 121 -0.17 -2.44 11.64
C GLY B 121 0.18 -1.09 12.21
N ILE B 122 0.64 -0.18 11.35
CA ILE B 122 0.97 1.20 11.79
C ILE B 122 -0.27 1.84 12.45
N GLN B 123 -1.43 1.36 12.08
CA GLN B 123 -2.71 1.94 12.54
C GLN B 123 -3.46 1.15 13.64
#